data_5V4R
#
_entry.id   5V4R
#
_cell.length_a   48.177
_cell.length_b   60.163
_cell.length_c   60.609
_cell.angle_alpha   90.00
_cell.angle_beta   101.28
_cell.angle_gamma   90.00
#
_symmetry.space_group_name_H-M   'P 1 21 1'
#
loop_
_entity.id
_entity.type
_entity.pdbx_description
1 polymer 'La-related protein 1'
2 non-polymer "7N-METHYL-8-HYDROGUANOSINE-5'-TRIPHOSPHATE"
3 water water
#
_entity_poly.entity_id   1
_entity_poly.type   'polypeptide(L)'
_entity_poly.pdbx_seq_one_letter_code
;GHSGGGGGGHMQHPSHELLKENGFTQHVYHKYRRRCLNERKRLGIGQSQEMNTLFRFWSFFLRDHFNKKMYEEFKQLALE
DAKEGYRYGLECLFRYYSYGLEKKFRLDIFKDFQEETVKDYEAGQLYGLEKFWAFLKYSKAKNLDIDPKLQEYLGKFRRL
ED
;
_entity_poly.pdbx_strand_id   A,B
#
loop_
_chem_comp.id
_chem_comp.type
_chem_comp.name
_chem_comp.formula
MGT non-polymer 7N-METHYL-8-HYDROGUANOSINE-5'-TRIPHOSPHATE 'C11 H20 N5 O14 P3'
#
# COMPACT_ATOMS: atom_id res chain seq x y z
N HIS A 10 -22.28 -20.87 5.89
CA HIS A 10 -22.50 -21.58 4.64
C HIS A 10 -21.79 -20.91 3.48
N MET A 11 -21.71 -19.58 3.51
CA MET A 11 -21.13 -18.81 2.43
C MET A 11 -19.72 -18.32 2.73
N GLN A 12 -19.09 -18.82 3.79
CA GLN A 12 -17.78 -18.29 4.18
C GLN A 12 -16.71 -18.76 3.20
N HIS A 13 -15.79 -17.85 2.90
CA HIS A 13 -14.73 -18.14 1.95
C HIS A 13 -13.72 -19.11 2.56
N PRO A 14 -13.10 -19.96 1.74
CA PRO A 14 -12.10 -20.90 2.29
C PRO A 14 -11.01 -20.22 3.09
N SER A 15 -10.50 -19.08 2.62
CA SER A 15 -9.45 -18.39 3.36
C SER A 15 -9.95 -17.95 4.73
N HIS A 16 -11.22 -17.58 4.83
CA HIS A 16 -11.78 -17.19 6.13
C HIS A 16 -11.78 -18.37 7.09
N GLU A 17 -12.22 -19.53 6.63
CA GLU A 17 -12.20 -20.72 7.47
C GLU A 17 -10.79 -21.08 7.90
N LEU A 18 -9.82 -20.97 6.98
CA LEU A 18 -8.46 -21.37 7.26
C LEU A 18 -7.77 -20.45 8.26
N LEU A 19 -8.24 -19.22 8.41
CA LEU A 19 -7.62 -18.27 9.32
C LEU A 19 -8.15 -18.36 10.75
N LYS A 20 -9.09 -19.26 11.00
CA LYS A 20 -9.55 -19.49 12.37
C LYS A 20 -8.51 -20.26 13.15
N GLU A 21 -8.57 -20.14 14.48
CA GLU A 21 -7.56 -20.74 15.34
C GLU A 21 -7.40 -22.23 15.07
N ASN A 22 -8.51 -22.98 15.11
CA ASN A 22 -8.50 -24.40 14.78
C ASN A 22 -9.01 -24.68 13.37
N GLY A 23 -9.07 -23.65 12.52
CA GLY A 23 -9.74 -23.80 11.23
C GLY A 23 -8.89 -24.36 10.12
N PHE A 24 -7.57 -24.28 10.23
CA PHE A 24 -6.72 -24.73 9.14
C PHE A 24 -6.69 -26.25 9.08
N THR A 25 -6.96 -26.80 7.89
CA THR A 25 -6.81 -28.22 7.62
C THR A 25 -6.13 -28.38 6.28
N GLN A 26 -5.26 -29.38 6.17
CA GLN A 26 -4.52 -29.59 4.93
C GLN A 26 -5.47 -29.89 3.76
N HIS A 27 -6.53 -30.64 4.03
CA HIS A 27 -7.46 -31.00 2.97
C HIS A 27 -8.12 -29.77 2.37
N VAL A 28 -8.62 -28.86 3.22
CA VAL A 28 -9.28 -27.66 2.72
C VAL A 28 -8.27 -26.74 2.02
N TYR A 29 -7.07 -26.59 2.60
CA TYR A 29 -6.10 -25.69 2.01
C TYR A 29 -5.62 -26.17 0.65
N HIS A 30 -5.39 -27.48 0.52
CA HIS A 30 -4.87 -28.01 -0.74
C HIS A 30 -5.84 -27.75 -1.88
N LYS A 31 -7.13 -28.02 -1.67
CA LYS A 31 -8.12 -27.77 -2.70
C LYS A 31 -8.22 -26.28 -3.02
N TYR A 32 -8.13 -25.43 -2.00
CA TYR A 32 -8.19 -23.99 -2.22
C TYR A 32 -6.97 -23.49 -2.98
N ARG A 33 -5.77 -23.87 -2.53
CA ARG A 33 -4.55 -23.46 -3.24
C ARG A 33 -4.58 -23.92 -4.69
N ARG A 34 -5.03 -25.15 -4.94
CA ARG A 34 -5.03 -25.69 -6.28
C ARG A 34 -5.88 -24.84 -7.22
N ARG A 35 -7.09 -24.50 -6.77
CA ARG A 35 -7.97 -23.68 -7.61
C ARG A 35 -7.37 -22.31 -7.88
N CYS A 36 -6.77 -21.69 -6.85
CA CYS A 36 -6.18 -20.36 -7.04
C CYS A 36 -5.04 -20.41 -8.06
N LEU A 37 -4.11 -21.35 -7.89
CA LEU A 37 -2.98 -21.45 -8.81
C LEU A 37 -3.45 -21.81 -10.22
N ASN A 38 -4.48 -22.64 -10.33
CA ASN A 38 -5.01 -22.99 -11.65
C ASN A 38 -5.67 -21.78 -12.31
N GLU A 39 -6.36 -20.95 -11.53
CA GLU A 39 -6.96 -19.73 -12.09
C GLU A 39 -5.88 -18.76 -12.55
N ARG A 40 -4.81 -18.61 -11.75
CA ARG A 40 -3.71 -17.74 -12.16
C ARG A 40 -3.12 -18.17 -13.49
N LYS A 41 -2.97 -19.49 -13.68
CA LYS A 41 -2.45 -19.99 -14.96
C LYS A 41 -3.45 -19.80 -16.08
N ARG A 42 -4.73 -20.06 -15.83
CA ARG A 42 -5.72 -20.00 -16.90
C ARG A 42 -6.06 -18.56 -17.27
N LEU A 43 -6.29 -17.72 -16.27
CA LEU A 43 -6.69 -16.34 -16.52
C LEU A 43 -5.51 -15.40 -16.72
N GLY A 44 -4.37 -15.71 -16.11
CA GLY A 44 -3.18 -14.90 -16.27
C GLY A 44 -2.82 -14.15 -14.99
N ILE A 45 -1.53 -13.82 -14.89
CA ILE A 45 -1.03 -13.10 -13.72
C ILE A 45 -1.83 -11.81 -13.54
N GLY A 46 -2.27 -11.57 -12.31
CA GLY A 46 -3.03 -10.38 -11.96
C GLY A 46 -4.48 -10.41 -12.36
N GLN A 47 -4.95 -11.45 -13.05
CA GLN A 47 -6.30 -11.49 -13.58
C GLN A 47 -7.25 -12.31 -12.73
N SER A 48 -6.76 -13.01 -11.71
CA SER A 48 -7.57 -13.90 -10.88
C SER A 48 -7.76 -13.24 -9.51
N GLN A 49 -9.00 -12.90 -9.19
CA GLN A 49 -9.28 -12.37 -7.86
C GLN A 49 -9.16 -13.45 -6.80
N GLU A 50 -9.47 -14.71 -7.16
CA GLU A 50 -9.27 -15.81 -6.22
C GLU A 50 -7.80 -15.90 -5.83
N MET A 51 -6.89 -15.74 -6.79
CA MET A 51 -5.47 -15.75 -6.47
C MET A 51 -5.13 -14.63 -5.50
N ASN A 52 -5.78 -13.47 -5.65
CA ASN A 52 -5.52 -12.37 -4.73
C ASN A 52 -5.91 -12.74 -3.30
N THR A 53 -7.00 -13.49 -3.13
CA THR A 53 -7.37 -13.94 -1.78
C THR A 53 -6.28 -14.85 -1.20
N LEU A 54 -5.59 -15.61 -2.05
CA LEU A 54 -4.52 -16.48 -1.54
C LEU A 54 -3.33 -15.66 -1.06
N PHE A 55 -2.95 -14.63 -1.82
CA PHE A 55 -1.93 -13.70 -1.35
C PHE A 55 -2.31 -13.11 0.01
N ARG A 56 -3.57 -12.70 0.15
CA ARG A 56 -4.04 -12.15 1.41
C ARG A 56 -3.99 -13.20 2.51
N PHE A 57 -4.39 -14.44 2.20
CA PHE A 57 -4.34 -15.50 3.20
C PHE A 57 -2.92 -15.74 3.68
N TRP A 58 -1.98 -15.90 2.75
CA TRP A 58 -0.59 -16.12 3.13
C TRP A 58 -0.07 -14.97 4.00
N SER A 59 -0.42 -13.73 3.63
CA SER A 59 0.11 -12.58 4.35
C SER A 59 -0.28 -12.63 5.83
N PHE A 60 -1.50 -13.05 6.13
CA PHE A 60 -1.95 -13.14 7.52
C PHE A 60 -1.53 -14.47 8.15
N PHE A 61 -1.74 -15.59 7.44
CA PHE A 61 -1.57 -16.90 8.06
C PHE A 61 -0.13 -17.14 8.46
N LEU A 62 0.82 -16.70 7.64
CA LEU A 62 2.23 -16.98 7.93
C LEU A 62 2.74 -16.20 9.15
N ARG A 63 2.05 -15.15 9.57
CA ARG A 63 2.46 -14.42 10.77
C ARG A 63 2.38 -15.31 12.00
N ASP A 64 1.32 -16.13 12.10
CA ASP A 64 1.11 -16.98 13.27
C ASP A 64 1.54 -18.43 13.05
N HIS A 65 1.64 -18.89 11.80
CA HIS A 65 1.91 -20.29 11.49
C HIS A 65 2.91 -20.36 10.33
N PHE A 66 4.16 -20.05 10.61
CA PHE A 66 5.17 -20.01 9.57
C PHE A 66 5.48 -21.41 9.05
N ASN A 67 5.70 -21.49 7.74
CA ASN A 67 6.18 -22.71 7.09
C ASN A 67 7.07 -22.29 5.93
N LYS A 68 8.27 -22.89 5.88
CA LYS A 68 9.29 -22.45 4.93
C LYS A 68 8.78 -22.54 3.49
N LYS A 69 8.28 -23.70 3.08
CA LYS A 69 7.88 -23.87 1.68
C LYS A 69 6.70 -22.99 1.32
N MET A 70 5.76 -22.79 2.25
CA MET A 70 4.64 -21.89 1.97
C MET A 70 5.13 -20.47 1.79
N TYR A 71 6.02 -20.01 2.68
CA TYR A 71 6.60 -18.68 2.53
C TYR A 71 7.34 -18.55 1.21
N GLU A 72 8.12 -19.56 0.83
CA GLU A 72 8.90 -19.45 -0.39
C GLU A 72 8.01 -19.37 -1.62
N GLU A 73 6.87 -20.06 -1.60
CA GLU A 73 5.93 -19.98 -2.71
C GLU A 73 5.25 -18.61 -2.76
N PHE A 74 4.80 -18.13 -1.59
CA PHE A 74 4.28 -16.77 -1.45
C PHE A 74 5.27 -15.75 -2.02
N LYS A 75 6.53 -15.85 -1.61
CA LYS A 75 7.54 -14.90 -2.06
C LYS A 75 7.74 -14.98 -3.56
N GLN A 76 7.85 -16.20 -4.09
CA GLN A 76 8.15 -16.37 -5.51
C GLN A 76 7.02 -15.84 -6.40
N LEU A 77 5.77 -16.16 -6.04
CA LEU A 77 4.65 -15.70 -6.85
C LEU A 77 4.45 -14.20 -6.71
N ALA A 78 4.65 -13.65 -5.51
CA ALA A 78 4.52 -12.21 -5.34
C ALA A 78 5.52 -11.46 -6.21
N LEU A 79 6.76 -11.96 -6.28
CA LEU A 79 7.78 -11.29 -7.08
C LEU A 79 7.51 -11.47 -8.57
N GLU A 80 7.07 -12.65 -8.98
CA GLU A 80 6.70 -12.85 -10.38
C GLU A 80 5.59 -11.88 -10.79
N ASP A 81 4.56 -11.76 -9.95
CA ASP A 81 3.46 -10.85 -10.26
C ASP A 81 3.94 -9.41 -10.35
N ALA A 82 4.75 -8.98 -9.39
CA ALA A 82 5.22 -7.59 -9.38
C ALA A 82 6.04 -7.27 -10.62
N LYS A 83 6.82 -8.23 -11.12
CA LYS A 83 7.59 -8.00 -12.33
C LYS A 83 6.67 -7.76 -13.52
N GLU A 84 5.52 -8.43 -13.56
CA GLU A 84 4.56 -8.23 -14.62
C GLU A 84 3.76 -6.94 -14.47
N GLY A 85 3.81 -6.32 -13.29
CA GLY A 85 3.11 -5.08 -13.04
C GLY A 85 1.94 -5.16 -12.08
N TYR A 86 1.70 -6.30 -11.46
CA TYR A 86 0.57 -6.50 -10.55
C TYR A 86 1.15 -6.69 -9.15
N ARG A 87 1.02 -5.65 -8.32
CA ARG A 87 1.79 -5.52 -7.10
C ARG A 87 1.07 -5.98 -5.84
N TYR A 88 -0.18 -6.44 -5.94
CA TYR A 88 -0.89 -6.83 -4.72
C TYR A 88 -0.13 -7.92 -3.95
N GLY A 89 0.38 -8.93 -4.66
CA GLY A 89 1.13 -9.98 -4.00
C GLY A 89 2.31 -9.44 -3.22
N LEU A 90 3.07 -8.51 -3.83
CA LEU A 90 4.24 -7.97 -3.16
C LEU A 90 3.85 -7.04 -2.01
N GLU A 91 2.74 -6.31 -2.15
CA GLU A 91 2.22 -5.53 -1.03
C GLU A 91 1.82 -6.43 0.12
N CYS A 92 1.20 -7.58 -0.18
CA CYS A 92 0.89 -8.56 0.85
C CYS A 92 2.17 -9.09 1.50
N LEU A 93 3.22 -9.29 0.71
CA LEU A 93 4.47 -9.80 1.25
C LEU A 93 5.12 -8.79 2.20
N PHE A 94 5.12 -7.50 1.83
CA PHE A 94 5.71 -6.50 2.69
C PHE A 94 4.92 -6.35 3.99
N ARG A 95 3.59 -6.46 3.92
CA ARG A 95 2.80 -6.45 5.14
C ARG A 95 3.15 -7.65 6.01
N TYR A 96 3.31 -8.83 5.39
CA TYR A 96 3.73 -10.00 6.14
C TYR A 96 5.06 -9.74 6.85
N TYR A 97 6.06 -9.24 6.11
CA TYR A 97 7.35 -8.93 6.72
C TYR A 97 7.19 -8.02 7.93
N SER A 98 6.52 -6.89 7.75
CA SER A 98 6.48 -5.87 8.80
C SER A 98 5.70 -6.36 10.01
N TYR A 99 4.48 -6.84 9.80
CA TYR A 99 3.67 -7.33 10.93
C TYR A 99 4.17 -8.67 11.44
N GLY A 100 4.66 -9.53 10.55
CA GLY A 100 5.06 -10.87 10.97
C GLY A 100 6.34 -10.88 11.77
N LEU A 101 7.35 -10.13 11.33
CA LEU A 101 8.60 -10.06 12.07
C LEU A 101 8.43 -9.31 13.38
N GLU A 102 7.44 -8.44 13.46
CA GLU A 102 7.16 -7.76 14.71
C GLU A 102 6.67 -8.81 15.72
N LYS A 103 5.79 -9.71 15.27
CA LYS A 103 5.23 -10.78 16.11
C LYS A 103 6.27 -11.80 16.58
N LYS A 104 7.12 -12.24 15.66
CA LYS A 104 8.20 -13.17 15.94
C LYS A 104 9.34 -12.92 14.97
N PHE A 105 10.50 -12.57 15.50
CA PHE A 105 11.64 -12.23 14.66
C PHE A 105 12.31 -13.50 14.16
N ARG A 106 12.58 -13.55 12.85
CA ARG A 106 13.31 -14.64 12.22
C ARG A 106 14.44 -14.05 11.40
N LEU A 107 15.66 -14.53 11.64
CA LEU A 107 16.84 -13.94 11.02
C LEU A 107 16.81 -14.09 9.50
N ASP A 108 16.48 -15.29 9.01
CA ASP A 108 16.46 -15.50 7.56
C ASP A 108 15.35 -14.68 6.89
N ILE A 109 14.19 -14.58 7.53
CA ILE A 109 13.11 -13.78 6.96
C ILE A 109 13.47 -12.30 7.00
N PHE A 110 14.15 -11.85 8.05
CA PHE A 110 14.59 -10.46 8.12
C PHE A 110 15.56 -10.14 6.99
N LYS A 111 16.47 -11.06 6.67
CA LYS A 111 17.39 -10.83 5.57
C LYS A 111 16.64 -10.68 4.25
N ASP A 112 15.62 -11.51 4.01
CA ASP A 112 14.78 -11.36 2.83
C ASP A 112 14.07 -10.03 2.82
N PHE A 113 13.55 -9.61 3.98
CA PHE A 113 12.89 -8.32 4.11
C PHE A 113 13.80 -7.19 3.64
N GLN A 114 15.05 -7.20 4.11
CA GLN A 114 16.00 -6.18 3.67
C GLN A 114 16.24 -6.25 2.16
N GLU A 115 16.43 -7.48 1.64
CA GLU A 115 16.74 -7.62 0.23
C GLU A 115 15.61 -7.11 -0.64
N GLU A 116 14.36 -7.45 -0.29
CA GLU A 116 13.24 -7.04 -1.11
C GLU A 116 12.94 -5.55 -0.95
N THR A 117 13.17 -5.00 0.25
CA THR A 117 13.00 -3.56 0.44
C THR A 117 14.00 -2.78 -0.41
N VAL A 118 15.25 -3.23 -0.46
CA VAL A 118 16.26 -2.56 -1.29
C VAL A 118 15.84 -2.57 -2.75
N LYS A 119 15.41 -3.74 -3.25
CA LYS A 119 14.94 -3.81 -4.62
C LYS A 119 13.74 -2.90 -4.86
N ASP A 120 12.78 -2.90 -3.93
CA ASP A 120 11.58 -2.08 -4.09
C ASP A 120 11.95 -0.61 -4.21
N TYR A 121 12.83 -0.14 -3.31
CA TYR A 121 13.24 1.26 -3.35
C TYR A 121 13.98 1.60 -4.63
N GLU A 122 14.89 0.73 -5.06
CA GLU A 122 15.65 1.00 -6.27
C GLU A 122 14.77 0.96 -7.52
N ALA A 123 13.60 0.34 -7.44
CA ALA A 123 12.63 0.38 -8.53
C ALA A 123 11.73 1.62 -8.47
N GLY A 124 12.02 2.56 -7.57
CA GLY A 124 11.25 3.79 -7.50
C GLY A 124 9.98 3.71 -6.68
N GLN A 125 9.83 2.68 -5.85
CA GLN A 125 8.68 2.53 -4.98
C GLN A 125 9.09 2.86 -3.55
N LEU A 126 8.10 3.20 -2.73
CA LEU A 126 8.32 3.43 -1.31
C LEU A 126 7.48 2.53 -0.41
N TYR A 127 6.61 1.69 -0.99
CA TYR A 127 5.74 0.86 -0.15
C TYR A 127 6.57 -0.04 0.75
N GLY A 128 7.58 -0.71 0.18
CA GLY A 128 8.44 -1.56 0.99
C GLY A 128 9.22 -0.79 2.02
N LEU A 129 9.83 0.33 1.62
CA LEU A 129 10.62 1.13 2.54
C LEU A 129 9.79 1.60 3.73
N GLU A 130 8.56 2.04 3.47
CA GLU A 130 7.68 2.45 4.57
C GLU A 130 7.42 1.28 5.52
N LYS A 131 7.17 0.09 4.96
CA LYS A 131 6.90 -1.08 5.79
C LYS A 131 8.12 -1.47 6.62
N PHE A 132 9.32 -1.30 6.06
CA PHE A 132 10.52 -1.58 6.83
C PHE A 132 10.70 -0.55 7.94
N TRP A 133 10.55 0.73 7.60
CA TRP A 133 10.58 1.79 8.60
C TRP A 133 9.54 1.52 9.69
N ALA A 134 8.35 1.09 9.30
CA ALA A 134 7.32 0.78 10.29
C ALA A 134 7.75 -0.37 11.19
N PHE A 135 8.35 -1.40 10.62
CA PHE A 135 8.86 -2.50 11.44
C PHE A 135 9.82 -1.99 12.50
N LEU A 136 10.72 -1.07 12.12
CA LEU A 136 11.70 -0.56 13.07
C LEU A 136 11.03 0.21 14.20
N LYS A 137 9.91 0.88 13.91
CA LYS A 137 9.24 1.64 14.96
C LYS A 137 8.46 0.76 15.92
N TYR A 138 7.90 -0.35 15.42
CA TYR A 138 7.03 -1.19 16.24
C TYR A 138 7.76 -2.32 16.93
N SER A 139 8.83 -2.84 16.32
CA SER A 139 9.47 -4.04 16.83
C SER A 139 10.27 -3.74 18.11
N LYS A 140 10.36 -4.75 18.96
CA LYS A 140 11.23 -4.71 20.13
C LYS A 140 12.61 -5.27 19.86
N ALA A 141 12.85 -5.78 18.65
CA ALA A 141 14.15 -6.38 18.33
C ALA A 141 15.25 -5.34 18.41
N LYS A 142 16.38 -5.74 18.99
CA LYS A 142 17.52 -4.87 19.18
C LYS A 142 18.75 -5.44 18.49
N ASN A 143 19.75 -4.58 18.29
CA ASN A 143 21.01 -4.96 17.67
C ASN A 143 20.78 -5.67 16.33
N LEU A 144 19.93 -5.07 15.51
CA LEU A 144 19.72 -5.58 14.16
C LEU A 144 20.91 -5.22 13.28
N ASP A 145 21.27 -6.15 12.40
CA ASP A 145 22.35 -5.93 11.42
C ASP A 145 21.70 -5.51 10.11
N ILE A 146 21.61 -4.20 9.89
CA ILE A 146 20.87 -3.64 8.77
C ILE A 146 21.84 -3.30 7.65
N ASP A 147 21.50 -3.74 6.44
CA ASP A 147 22.33 -3.48 5.27
C ASP A 147 22.73 -2.01 5.21
N PRO A 148 24.03 -1.70 5.11
CA PRO A 148 24.43 -0.29 5.07
C PRO A 148 23.78 0.51 3.95
N LYS A 149 23.52 -0.11 2.80
CA LYS A 149 22.83 0.60 1.73
C LYS A 149 21.39 0.90 2.11
N LEU A 150 20.74 -0.02 2.82
CA LEU A 150 19.38 0.20 3.26
C LEU A 150 19.31 1.30 4.32
N GLN A 151 20.28 1.33 5.25
CA GLN A 151 20.32 2.42 6.21
C GLN A 151 20.36 3.77 5.52
N GLU A 152 21.15 3.86 4.44
CA GLU A 152 21.20 5.10 3.66
C GLU A 152 19.82 5.46 3.11
N TYR A 153 19.13 4.48 2.53
CA TYR A 153 17.79 4.74 2.01
C TYR A 153 16.84 5.18 3.12
N LEU A 154 16.93 4.54 4.28
CA LEU A 154 16.07 4.93 5.41
C LEU A 154 16.34 6.35 5.88
N GLY A 155 17.49 6.92 5.51
CA GLY A 155 17.81 8.28 5.92
C GLY A 155 16.81 9.30 5.40
N LYS A 156 16.22 9.04 4.24
CA LYS A 156 15.19 9.93 3.72
C LYS A 156 14.06 10.12 4.73
N PHE A 157 13.60 9.02 5.32
CA PHE A 157 12.48 9.10 6.25
C PHE A 157 12.87 9.75 7.57
N ARG A 158 14.14 9.62 7.98
CA ARG A 158 14.56 10.18 9.26
C ARG A 158 14.48 11.71 9.25
N ARG A 159 14.88 12.33 8.14
CA ARG A 159 14.82 13.79 8.04
C ARG A 159 13.38 14.31 8.02
N LEU A 160 12.41 13.46 7.65
CA LEU A 160 11.02 13.91 7.60
C LEU A 160 10.40 14.00 8.98
N GLU A 161 10.83 13.18 9.93
CA GLU A 161 10.24 13.17 11.26
C GLU A 161 11.15 13.85 12.27
N MET B 11 17.33 22.06 10.75
CA MET B 11 17.61 20.89 9.94
C MET B 11 16.34 20.13 9.57
N GLN B 12 15.19 20.68 9.97
CA GLN B 12 13.92 20.01 9.67
C GLN B 12 13.57 20.18 8.20
N HIS B 13 12.96 19.14 7.62
CA HIS B 13 12.55 19.21 6.24
C HIS B 13 11.37 20.18 6.08
N PRO B 14 11.33 20.94 4.98
CA PRO B 14 10.24 21.91 4.83
C PRO B 14 8.86 21.32 5.02
N SER B 15 8.63 20.09 4.54
CA SER B 15 7.32 19.46 4.71
C SER B 15 7.01 19.28 6.20
N HIS B 16 8.02 18.98 7.01
CA HIS B 16 7.80 18.85 8.45
C HIS B 16 7.35 20.17 9.06
N GLU B 17 8.01 21.27 8.69
CA GLU B 17 7.61 22.58 9.18
C GLU B 17 6.18 22.91 8.75
N LEU B 18 5.85 22.63 7.48
CA LEU B 18 4.53 22.99 6.97
C LEU B 18 3.41 22.16 7.56
N LEU B 19 3.72 20.97 8.11
CA LEU B 19 2.70 20.13 8.71
C LEU B 19 2.47 20.42 10.19
N LYS B 20 3.36 21.15 10.84
CA LYS B 20 3.12 21.57 12.21
C LYS B 20 1.89 22.46 12.28
N GLU B 21 1.18 22.39 13.41
CA GLU B 21 0.03 23.26 13.61
C GLU B 21 0.48 24.71 13.62
N ASN B 22 -0.21 25.56 12.85
CA ASN B 22 0.15 26.96 12.71
C ASN B 22 1.57 27.12 12.17
N GLY B 23 2.03 26.15 11.38
CA GLY B 23 3.38 26.19 10.85
C GLY B 23 3.43 26.48 9.36
N PHE B 24 2.30 26.37 8.69
CA PHE B 24 2.25 26.59 7.24
C PHE B 24 2.40 28.07 6.92
N THR B 25 3.19 28.36 5.88
CA THR B 25 3.23 29.68 5.28
C THR B 25 3.31 29.51 3.77
N GLN B 26 2.64 30.41 3.05
CA GLN B 26 2.64 30.31 1.59
C GLN B 26 4.04 30.43 1.02
N HIS B 27 4.88 31.28 1.63
CA HIS B 27 6.23 31.48 1.12
C HIS B 27 7.04 30.18 1.19
N VAL B 28 7.03 29.52 2.34
CA VAL B 28 7.81 28.30 2.50
C VAL B 28 7.29 27.21 1.58
N TYR B 29 5.96 27.10 1.44
CA TYR B 29 5.40 26.07 0.59
C TYR B 29 5.73 26.33 -0.88
N HIS B 30 5.55 27.57 -1.32
CA HIS B 30 5.81 27.90 -2.72
C HIS B 30 7.26 27.57 -3.10
N LYS B 31 8.21 27.89 -2.22
CA LYS B 31 9.61 27.58 -2.48
C LYS B 31 9.84 26.08 -2.46
N TYR B 32 9.24 25.38 -1.50
CA TYR B 32 9.37 23.93 -1.40
C TYR B 32 8.76 23.24 -2.61
N ARG B 33 7.55 23.65 -3.00
CA ARG B 33 6.89 23.04 -4.15
C ARG B 33 7.70 23.24 -5.42
N ARG B 34 8.20 24.46 -5.66
CA ARG B 34 8.97 24.73 -6.86
C ARG B 34 10.21 23.84 -6.93
N ARG B 35 10.89 23.65 -5.80
CA ARG B 35 12.09 22.82 -5.80
C ARG B 35 11.75 21.36 -6.11
N CYS B 36 10.62 20.86 -5.59
CA CYS B 36 10.20 19.51 -5.89
C CYS B 36 9.86 19.35 -7.37
N LEU B 37 9.16 20.32 -7.95
CA LEU B 37 8.79 20.21 -9.36
C LEU B 37 10.00 20.35 -10.25
N ASN B 38 10.94 21.22 -9.89
CA ASN B 38 12.18 21.34 -10.65
C ASN B 38 12.92 20.00 -10.70
N GLU B 39 13.02 19.32 -9.55
CA GLU B 39 13.70 18.04 -9.53
C GLU B 39 12.96 16.99 -10.34
N ARG B 40 11.62 17.04 -10.32
CA ARG B 40 10.82 16.17 -11.18
C ARG B 40 11.17 16.39 -12.65
N LYS B 41 11.23 17.65 -13.07
CA LYS B 41 11.55 17.95 -14.46
C LYS B 41 12.99 17.55 -14.79
N ARG B 42 13.92 17.77 -13.86
CA ARG B 42 15.33 17.50 -14.13
C ARG B 42 15.61 15.99 -14.16
N LEU B 43 15.09 15.25 -13.18
CA LEU B 43 15.38 13.83 -13.06
C LEU B 43 14.35 12.95 -13.77
N GLY B 44 13.10 13.37 -13.82
CA GLY B 44 12.06 12.63 -14.49
C GLY B 44 11.05 12.04 -13.51
N ILE B 45 9.94 11.58 -14.08
CA ILE B 45 8.87 10.98 -13.28
C ILE B 45 9.41 9.77 -12.54
N GLY B 46 9.11 9.69 -11.24
CA GLY B 46 9.51 8.59 -10.39
C GLY B 46 10.94 8.62 -9.90
N GLN B 47 11.72 9.64 -10.27
CA GLN B 47 13.15 9.67 -9.97
C GLN B 47 13.54 10.64 -8.86
N SER B 48 12.57 11.32 -8.24
CA SER B 48 12.85 12.38 -7.28
C SER B 48 12.25 12.01 -5.92
N GLN B 49 13.12 11.80 -4.93
CA GLN B 49 12.61 11.58 -3.58
C GLN B 49 11.98 12.84 -3.01
N GLU B 50 12.48 14.02 -3.40
CA GLU B 50 11.83 15.25 -2.98
C GLU B 50 10.39 15.30 -3.47
N MET B 51 10.15 14.89 -4.72
CA MET B 51 8.78 14.83 -5.21
C MET B 51 7.94 13.89 -4.35
N ASN B 52 8.54 12.79 -3.88
CA ASN B 52 7.81 11.89 -3.00
C ASN B 52 7.45 12.57 -1.67
N THR B 53 8.35 13.40 -1.13
CA THR B 53 8.00 14.12 0.09
C THR B 53 6.80 15.05 -0.13
N LEU B 54 6.65 15.58 -1.34
CA LEU B 54 5.52 16.46 -1.63
C LEU B 54 4.22 15.67 -1.73
N PHE B 55 4.27 14.48 -2.35
CA PHE B 55 3.12 13.59 -2.32
C PHE B 55 2.70 13.31 -0.89
N ARG B 56 3.67 13.01 -0.03
CA ARG B 56 3.37 12.74 1.37
C ARG B 56 2.80 13.97 2.07
N PHE B 57 3.36 15.14 1.77
CA PHE B 57 2.85 16.38 2.36
C PHE B 57 1.40 16.61 1.98
N TRP B 58 1.09 16.54 0.67
CA TRP B 58 -0.29 16.73 0.24
C TRP B 58 -1.22 15.72 0.89
N SER B 59 -0.80 14.47 0.98
CA SER B 59 -1.65 13.42 1.53
C SER B 59 -2.09 13.76 2.96
N PHE B 60 -1.18 14.31 3.77
CA PHE B 60 -1.49 14.67 5.14
C PHE B 60 -2.14 16.06 5.25
N PHE B 61 -1.56 17.06 4.58
CA PHE B 61 -2.00 18.43 4.75
C PHE B 61 -3.44 18.63 4.31
N LEU B 62 -3.84 17.95 3.23
CA LEU B 62 -5.17 18.16 2.67
C LEU B 62 -6.28 17.60 3.55
N ARG B 63 -5.96 16.74 4.52
CA ARG B 63 -7.00 16.20 5.39
C ARG B 63 -7.59 17.28 6.28
N ASP B 64 -6.75 18.17 6.81
CA ASP B 64 -7.21 19.23 7.71
C ASP B 64 -7.37 20.58 7.02
N HIS B 65 -6.68 20.81 5.90
CA HIS B 65 -6.71 22.09 5.21
C HIS B 65 -6.87 21.83 3.70
N PHE B 66 -8.04 21.35 3.31
CA PHE B 66 -8.30 21.08 1.90
C PHE B 66 -8.27 22.39 1.11
N ASN B 67 -7.58 22.37 -0.03
CA ASN B 67 -7.66 23.45 -0.99
C ASN B 67 -7.60 22.86 -2.40
N LYS B 68 -8.38 23.45 -3.30
CA LYS B 68 -8.57 22.87 -4.63
C LYS B 68 -7.26 22.83 -5.42
N LYS B 69 -6.50 23.93 -5.38
CA LYS B 69 -5.27 23.99 -6.18
C LYS B 69 -4.33 22.84 -5.84
N MET B 70 -4.06 22.62 -4.54
CA MET B 70 -3.18 21.54 -4.16
C MET B 70 -3.76 20.18 -4.55
N TYR B 71 -5.05 19.98 -4.28
CA TYR B 71 -5.64 18.67 -4.54
C TYR B 71 -5.58 18.31 -6.02
N GLU B 72 -5.90 19.26 -6.90
CA GLU B 72 -5.93 18.96 -8.32
C GLU B 72 -4.54 18.63 -8.84
N GLU B 73 -3.52 19.37 -8.40
CA GLU B 73 -2.15 19.04 -8.78
C GLU B 73 -1.72 17.70 -8.21
N PHE B 74 -2.03 17.47 -6.93
CA PHE B 74 -1.80 16.18 -6.28
C PHE B 74 -2.33 15.04 -7.15
N LYS B 75 -3.61 15.09 -7.49
CA LYS B 75 -4.22 14.00 -8.27
C LYS B 75 -3.56 13.86 -9.63
N GLN B 76 -3.34 14.98 -10.32
CA GLN B 76 -2.76 14.94 -11.66
C GLN B 76 -1.38 14.30 -11.66
N LEU B 77 -0.51 14.75 -10.74
CA LEU B 77 0.85 14.24 -10.70
C LEU B 77 0.90 12.79 -10.21
N ALA B 78 0.05 12.46 -9.23
CA ALA B 78 -0.01 11.08 -8.77
C ALA B 78 -0.40 10.13 -9.89
N LEU B 79 -1.34 10.56 -10.75
CA LEU B 79 -1.75 9.73 -11.87
C LEU B 79 -0.66 9.64 -12.93
N GLU B 80 0.07 10.74 -13.16
CA GLU B 80 1.19 10.70 -14.11
C GLU B 80 2.22 9.68 -13.67
N ASP B 81 2.63 9.70 -12.41
CA ASP B 81 3.56 8.72 -11.89
C ASP B 81 3.01 7.30 -12.07
N ALA B 82 1.76 7.08 -11.63
CA ALA B 82 1.20 5.74 -11.71
C ALA B 82 1.14 5.23 -13.14
N LYS B 83 0.92 6.13 -14.12
CA LYS B 83 0.90 5.71 -15.51
C LYS B 83 2.20 5.03 -15.91
N GLU B 84 3.32 5.43 -15.32
CA GLU B 84 4.61 4.81 -15.61
C GLU B 84 4.98 3.72 -14.63
N GLY B 85 4.10 3.37 -13.68
CA GLY B 85 4.34 2.28 -12.77
C GLY B 85 4.83 2.68 -11.39
N TYR B 86 4.98 3.98 -11.13
CA TYR B 86 5.43 4.46 -9.83
C TYR B 86 4.20 4.71 -8.95
N ARG B 87 4.09 3.96 -7.86
CA ARG B 87 2.84 3.87 -7.10
C ARG B 87 2.72 4.89 -5.96
N TYR B 88 3.81 5.50 -5.52
CA TYR B 88 3.77 6.21 -4.23
C TYR B 88 2.78 7.36 -4.25
N GLY B 89 2.79 8.17 -5.32
CA GLY B 89 1.86 9.29 -5.38
C GLY B 89 0.42 8.86 -5.28
N LEU B 90 0.06 7.78 -5.99
CA LEU B 90 -1.32 7.30 -5.97
C LEU B 90 -1.64 6.61 -4.64
N GLU B 91 -0.67 5.93 -4.03
CA GLU B 91 -0.88 5.39 -2.70
C GLU B 91 -1.13 6.52 -1.70
N CYS B 92 -0.35 7.60 -1.82
CA CYS B 92 -0.60 8.78 -0.99
C CYS B 92 -1.98 9.34 -1.24
N LEU B 93 -2.43 9.35 -2.49
CA LEU B 93 -3.75 9.89 -2.82
C LEU B 93 -4.86 9.03 -2.22
N PHE B 94 -4.74 7.70 -2.32
CA PHE B 94 -5.77 6.84 -1.75
C PHE B 94 -5.80 6.92 -0.23
N ARG B 95 -4.65 7.13 0.42
CA ARG B 95 -4.66 7.32 1.86
C ARG B 95 -5.32 8.64 2.22
N TYR B 96 -5.07 9.69 1.43
CA TYR B 96 -5.79 10.95 1.64
C TYR B 96 -7.29 10.75 1.55
N TYR B 97 -7.75 10.04 0.51
CA TYR B 97 -9.18 9.79 0.34
C TYR B 97 -9.75 9.06 1.56
N SER B 98 -9.14 7.94 1.94
CA SER B 98 -9.72 7.09 2.96
C SER B 98 -9.73 7.77 4.32
N TYR B 99 -8.61 8.36 4.72
CA TYR B 99 -8.53 8.99 6.03
C TYR B 99 -9.12 10.39 6.02
N GLY B 100 -8.90 11.15 4.95
CA GLY B 100 -9.43 12.50 4.86
C GLY B 100 -10.95 12.62 4.80
N LEU B 101 -11.55 11.80 3.96
CA LEU B 101 -12.99 11.78 3.79
C LEU B 101 -13.67 11.34 5.08
N GLU B 102 -13.04 10.40 5.77
CA GLU B 102 -13.60 9.91 7.00
C GLU B 102 -13.72 11.02 8.04
N LYS B 103 -12.66 11.82 8.20
CA LYS B 103 -12.72 12.92 9.17
C LYS B 103 -13.68 14.01 8.72
N LYS B 104 -13.57 14.40 7.45
CA LYS B 104 -14.44 15.42 6.87
C LYS B 104 -14.91 14.91 5.53
N PHE B 105 -16.21 14.88 5.31
CA PHE B 105 -16.73 14.34 4.06
C PHE B 105 -17.15 15.37 3.04
N ARG B 106 -16.67 15.21 1.82
CA ARG B 106 -17.05 16.10 0.72
C ARG B 106 -17.54 15.25 -0.43
N LEU B 107 -18.66 15.64 -1.03
CA LEU B 107 -19.27 14.83 -2.09
C LEU B 107 -18.38 14.79 -3.32
N ASP B 108 -17.88 15.94 -3.77
CA ASP B 108 -17.07 15.97 -4.98
C ASP B 108 -15.82 15.12 -4.84
N ILE B 109 -15.17 15.17 -3.67
CA ILE B 109 -13.99 14.34 -3.46
C ILE B 109 -14.38 12.87 -3.37
N PHE B 110 -15.55 12.56 -2.82
CA PHE B 110 -15.96 11.17 -2.71
C PHE B 110 -16.21 10.56 -4.09
N LYS B 111 -16.74 11.35 -5.03
CA LYS B 111 -16.90 10.85 -6.38
C LYS B 111 -15.54 10.61 -7.04
N ASP B 112 -14.57 11.51 -6.82
CA ASP B 112 -13.22 11.27 -7.30
C ASP B 112 -12.65 10.00 -6.69
N PHE B 113 -12.84 9.81 -5.39
CA PHE B 113 -12.41 8.57 -4.74
C PHE B 113 -12.96 7.35 -5.47
N GLN B 114 -14.27 7.36 -5.76
CA GLN B 114 -14.87 6.24 -6.49
C GLN B 114 -14.25 6.06 -7.86
N GLU B 115 -14.11 7.16 -8.61
CA GLU B 115 -13.57 7.07 -9.97
C GLU B 115 -12.16 6.49 -9.97
N GLU B 116 -11.29 7.00 -9.09
CA GLU B 116 -9.91 6.53 -9.08
C GLU B 116 -9.81 5.09 -8.59
N THR B 117 -10.70 4.68 -7.68
CA THR B 117 -10.71 3.29 -7.22
C THR B 117 -11.08 2.34 -8.36
N VAL B 118 -12.13 2.69 -9.11
CA VAL B 118 -12.53 1.88 -10.26
C VAL B 118 -11.37 1.74 -11.24
N LYS B 119 -10.71 2.86 -11.55
CA LYS B 119 -9.57 2.81 -12.46
C LYS B 119 -8.45 1.93 -11.90
N ASP B 120 -8.15 2.07 -10.61
CA ASP B 120 -7.08 1.29 -10.01
C ASP B 120 -7.39 -0.20 -10.07
N TYR B 121 -8.62 -0.57 -9.71
CA TYR B 121 -9.02 -1.98 -9.77
C TYR B 121 -8.97 -2.49 -11.20
N GLU B 122 -9.47 -1.71 -12.16
CA GLU B 122 -9.46 -2.15 -13.55
C GLU B 122 -8.05 -2.19 -14.12
N ALA B 123 -7.10 -1.51 -13.49
CA ALA B 123 -5.70 -1.58 -13.89
C ALA B 123 -4.96 -2.74 -13.25
N GLY B 124 -5.64 -3.57 -12.48
CA GLY B 124 -5.05 -4.77 -11.90
C GLY B 124 -4.50 -4.64 -10.50
N GLN B 125 -4.75 -3.51 -9.83
CA GLN B 125 -4.27 -3.27 -8.47
C GLN B 125 -5.44 -3.34 -7.49
N LEU B 126 -5.11 -3.61 -6.22
CA LEU B 126 -6.09 -3.68 -5.16
C LEU B 126 -5.88 -2.63 -4.07
N TYR B 127 -4.83 -1.83 -4.13
CA TYR B 127 -4.58 -0.88 -3.05
C TYR B 127 -5.74 0.10 -2.91
N GLY B 128 -6.19 0.66 -4.03
CA GLY B 128 -7.31 1.58 -3.97
C GLY B 128 -8.58 0.93 -3.46
N LEU B 129 -8.90 -0.26 -3.97
CA LEU B 129 -10.13 -0.93 -3.55
C LEU B 129 -10.13 -1.19 -2.04
N GLU B 130 -8.97 -1.57 -1.49
CA GLU B 130 -8.91 -1.83 -0.05
C GLU B 130 -9.04 -0.54 0.74
N LYS B 131 -8.48 0.56 0.24
CA LYS B 131 -8.64 1.84 0.91
C LYS B 131 -10.09 2.31 0.86
N PHE B 132 -10.78 2.05 -0.25
CA PHE B 132 -12.20 2.41 -0.33
C PHE B 132 -13.02 1.56 0.63
N TRP B 133 -12.75 0.26 0.66
CA TRP B 133 -13.41 -0.62 1.61
C TRP B 133 -13.15 -0.18 3.04
N ALA B 134 -11.91 0.25 3.34
CA ALA B 134 -11.58 0.72 4.67
C ALA B 134 -12.39 1.97 5.02
N PHE B 135 -12.54 2.89 4.07
CA PHE B 135 -13.35 4.08 4.33
C PHE B 135 -14.76 3.69 4.72
N LEU B 136 -15.38 2.77 3.96
CA LEU B 136 -16.74 2.34 4.29
C LEU B 136 -16.82 1.72 5.67
N LYS B 137 -15.74 1.08 6.13
CA LYS B 137 -15.77 0.42 7.43
C LYS B 137 -15.72 1.43 8.57
N TYR B 138 -14.87 2.45 8.45
CA TYR B 138 -14.66 3.41 9.52
C TYR B 138 -15.47 4.69 9.37
N SER B 139 -16.07 4.93 8.21
CA SER B 139 -16.83 6.15 8.01
C SER B 139 -18.09 6.16 8.85
N LYS B 140 -18.35 7.30 9.49
CA LYS B 140 -19.60 7.53 10.20
C LYS B 140 -20.71 8.04 9.29
N ALA B 141 -20.42 8.24 8.00
CA ALA B 141 -21.42 8.75 7.08
C ALA B 141 -22.50 7.70 6.83
N LYS B 142 -23.71 8.19 6.51
CA LYS B 142 -24.85 7.33 6.24
C LYS B 142 -25.46 7.70 4.89
N ASN B 143 -26.15 6.73 4.30
CA ASN B 143 -26.80 6.90 3.00
C ASN B 143 -25.83 7.25 1.90
N LEU B 144 -24.61 6.73 1.97
CA LEU B 144 -23.64 6.94 0.91
C LEU B 144 -24.12 6.29 -0.38
N ASP B 145 -23.99 7.02 -1.49
CA ASP B 145 -24.35 6.53 -2.81
C ASP B 145 -23.09 6.04 -3.52
N ILE B 146 -23.03 4.74 -3.78
CA ILE B 146 -21.84 4.10 -4.33
C ILE B 146 -22.12 3.66 -5.77
N ASP B 147 -21.15 3.92 -6.64
CA ASP B 147 -21.25 3.48 -8.03
C ASP B 147 -21.61 2.00 -8.08
N PRO B 148 -22.66 1.62 -8.83
CA PRO B 148 -23.02 0.20 -8.89
C PRO B 148 -21.88 -0.71 -9.32
N LYS B 149 -21.10 -0.30 -10.32
CA LYS B 149 -19.97 -1.13 -10.74
C LYS B 149 -18.95 -1.27 -9.62
N LEU B 150 -18.70 -0.19 -8.88
CA LEU B 150 -17.79 -0.29 -7.73
C LEU B 150 -18.36 -1.23 -6.67
N GLN B 151 -19.67 -1.16 -6.43
CA GLN B 151 -20.29 -2.10 -5.50
C GLN B 151 -20.01 -3.54 -5.91
N GLU B 152 -20.04 -3.82 -7.21
CA GLU B 152 -19.76 -5.17 -7.69
C GLU B 152 -18.31 -5.56 -7.37
N TYR B 153 -17.37 -4.65 -7.58
CA TYR B 153 -15.98 -4.95 -7.27
C TYR B 153 -15.79 -5.22 -5.78
N LEU B 154 -16.49 -4.47 -4.93
CA LEU B 154 -16.41 -4.67 -3.48
C LEU B 154 -17.04 -5.98 -3.03
N GLY B 155 -17.69 -6.72 -3.94
CA GLY B 155 -18.37 -7.94 -3.52
C GLY B 155 -17.41 -9.01 -3.02
N LYS B 156 -16.23 -9.10 -3.64
CA LYS B 156 -15.26 -10.11 -3.20
C LYS B 156 -14.88 -9.91 -1.74
N PHE B 157 -14.67 -8.66 -1.31
CA PHE B 157 -14.23 -8.41 0.06
C PHE B 157 -15.29 -8.78 1.08
N ARG B 158 -16.58 -8.72 0.71
CA ARG B 158 -17.63 -9.02 1.67
C ARG B 158 -17.57 -10.48 2.13
N ARG B 159 -17.20 -11.38 1.21
CA ARG B 159 -17.14 -12.79 1.58
C ARG B 159 -16.03 -13.08 2.58
N LEU B 160 -14.96 -12.29 2.56
CA LEU B 160 -13.84 -12.53 3.46
C LEU B 160 -14.14 -12.09 4.88
N GLU B 161 -14.98 -11.08 5.05
CA GLU B 161 -15.28 -10.55 6.38
C GLU B 161 -16.35 -11.39 7.07
N ASP B 162 -16.56 -11.10 8.35
CA ASP B 162 -17.56 -11.79 9.15
C ASP B 162 -18.92 -11.12 9.04
PG MGT C . -1.29 0.35 4.61
PG MGT C . -1.41 0.48 5.15
O1G MGT C . -2.66 0.12 4.10
O1G MGT C . -2.03 -0.81 5.50
O2G MGT C . -0.82 1.83 4.20
O2G MGT C . -2.42 1.29 4.18
O3G MGT C . -0.29 -0.73 3.96
O3G MGT C . -0.02 0.23 4.38
O3B MGT C . -1.25 0.22 6.21
O3B MGT C . -1.16 1.34 6.51
PB MGT C . -2.09 -1.07 6.70
PB MGT C . -1.45 2.88 6.17
O1B MGT C . -2.49 -1.90 5.54
O1B MGT C . -1.02 3.13 4.78
O2B MGT C . -1.18 -1.95 7.69
O2B MGT C . -3.03 3.17 6.30
O3A MGT C . -3.41 -0.55 7.47
O3A MGT C . -0.63 3.88 7.13
PA MGT C . -3.93 -1.68 8.49
PA MGT C . -1.09 3.70 8.67
O1A MGT C . -3.57 -3.03 8.00
O1A MGT C . -1.45 5.02 9.22
O2A MGT C . -3.23 -1.44 9.92
O2A MGT C . -2.38 2.72 8.73
O5' MGT C . -5.53 -1.51 8.68
O5' MGT C . 0.11 3.05 9.53
C5' MGT C . -6.28 -2.36 7.79
C5' MGT C . 1.28 3.86 9.33
C4' MGT C . -6.94 -1.58 6.66
C4' MGT C . 2.44 2.99 8.82
O4' MGT C . -7.88 -0.59 7.17
O4' MGT C . 2.88 2.05 9.84
C3' MGT C . -5.91 -0.77 5.84
C3' MGT C . 2.00 2.12 7.63
O3' MGT C . -6.36 -0.65 4.49
O3' MGT C . 3.13 1.79 6.80
C2' MGT C . -5.91 0.60 6.53
C2' MGT C . 1.47 0.86 8.32
O2' MGT C . -5.50 1.63 5.63
O2' MGT C . 1.52 -0.27 7.45
C1' MGT C . -7.39 0.75 6.89
C1' MGT C . 2.44 0.71 9.50
N9 MGT C . -7.56 1.55 8.11
N9 MGT C . 1.79 0.14 10.68
C8 MGT C . -7.04 1.17 9.42
C8 MGT C . 0.55 0.63 11.29
N7 MGT C . -7.44 2.24 10.34
N7 MGT C . 0.30 -0.24 12.43
CM7 MGT C . -7.13 2.28 11.77
CM7 MGT C . -0.83 -0.12 13.36
C5 MGT C . -8.18 3.17 9.56
C5 MGT C . 1.35 -1.18 12.46
C6 MGT C . -8.80 4.37 9.92
C6 MGT C . 1.63 -2.25 13.34
O6 MGT C . -8.77 4.79 11.07
O6 MGT C . 0.90 -2.51 14.28
N1 MGT C . -9.44 5.07 8.96
N1 MGT C . 2.73 -3.00 13.12
C2 MGT C . -9.48 4.62 7.68
C2 MGT C . 3.55 -2.71 12.07
N2 MGT C . -10.14 5.36 6.74
N2 MGT C . 4.67 -3.50 11.87
N3 MGT C . -8.90 3.49 7.34
N3 MGT C . 3.32 -1.72 11.25
C4 MGT C . -8.24 2.74 8.25
C4 MGT C . 2.22 -0.94 11.42
H5'1 MGT C . -6.96 -2.82 8.30
H5'1 MGT C . 1.54 4.27 10.17
H5'2 MGT C . -5.67 -3.01 7.41
H5'2 MGT C . 1.09 4.54 8.68
H4' MGT C . -7.41 -2.19 6.07
H4' MGT C . 3.18 3.56 8.56
H3' MGT C . -5.04 -1.19 5.88
H3' MGT C . 1.31 2.56 7.12
HO3' MGT C . -5.67 -0.52 4.02
HO3' MGT C . 3.55 2.52 6.67
H2' MGT C . -5.35 0.59 7.33
H2' MGT C . 0.55 1.00 8.64
HO2' MGT C . -4.76 1.93 5.92
HO2' MGT C . 0.86 -0.78 7.66
H1' MGT C . -7.89 1.14 6.16
H1' MGT C . 3.20 0.17 9.24
H81 MGT C . -6.07 1.11 9.39
H81 MGT C . -0.18 0.58 10.67
H82 MGT C . -7.41 0.32 9.70
H82 MGT C . 0.68 1.55 11.59
HM71 MGT C . -7.51 3.09 12.15
HM71 MGT C . -0.81 0.74 13.79
HM72 MGT C . -7.52 1.51 12.21
HM72 MGT C . -1.66 -0.22 12.86
HM73 MGT C . -6.18 2.29 11.90
HM73 MGT C . -0.78 -0.82 14.03
HN1 MGT C . -9.83 5.82 9.17
HN1 MGT C . 2.91 -3.65 13.64
HN21 MGT C . -10.17 5.08 5.93
HN21 MGT C . 5.20 -3.33 11.21
HN22 MGT C . -10.52 6.10 6.96
HN22 MGT C . 4.83 -4.14 12.40
#